data_3E58
#
_entry.id   3E58
#
_cell.length_a   88.784
_cell.length_b   88.784
_cell.length_c   118.846
_cell.angle_alpha   90.00
_cell.angle_beta   90.00
_cell.angle_gamma   120.00
#
_symmetry.space_group_name_H-M   'P 32 2 1'
#
loop_
_entity.id
_entity.type
_entity.pdbx_description
1 polymer 'putative Beta-phosphoglucomutase'
2 non-polymer 'SULFATE ION'
3 non-polymer GLYCEROL
4 water water
#
_entity_poly.entity_id   1
_entity_poly.type   'polypeptide(L)'
_entity_poly.pdbx_seq_one_letter_code
;SNA(MSE)VEAIIFD(MSE)DGVLFDTEKYYYDRRASFLGQKGISIDHLPPSFFIGGNTKQVWENILRDEYDKWDVSTLQ
EEYNTYKQNNPLPYKELIFPDVLKVLNEVKSQGLEIGLASSSVKADIFRALEENRLQGFFDIVLSGEEFKESKPNPEIYL
TALKQLNVQASRALIIEDSEKGIAAGVAADVEVWAIRDNEFG(MSE)DQSAAKGLLDSLTDVLDLI
;
_entity_poly.pdbx_strand_id   A,B
#
# COMPACT_ATOMS: atom_id res chain seq x y z
N VAL A 5 -5.45 34.54 7.17
CA VAL A 5 -6.04 33.21 7.32
C VAL A 5 -6.49 33.03 8.78
N GLU A 6 -7.75 32.66 8.97
CA GLU A 6 -8.30 32.44 10.30
C GLU A 6 -8.44 30.95 10.68
N ALA A 7 -8.46 30.09 9.66
CA ALA A 7 -8.65 28.67 9.88
C ALA A 7 -7.98 27.84 8.81
N ILE A 8 -7.51 26.65 9.19
CA ILE A 8 -7.01 25.69 8.22
C ILE A 8 -7.78 24.39 8.41
N ILE A 9 -8.29 23.85 7.30
CA ILE A 9 -9.01 22.57 7.31
C ILE A 9 -8.09 21.57 6.60
N PHE A 10 -7.69 20.52 7.32
CA PHE A 10 -6.85 19.48 6.73
C PHE A 10 -7.71 18.29 6.33
N ASP A 11 -7.52 17.77 5.13
CA ASP A 11 -7.98 16.43 4.81
C ASP A 11 -7.08 15.45 5.57
N ASP A 13 -6.44 11.45 4.98
CA ASP A 13 -5.65 10.49 4.20
C ASP A 13 -4.81 11.17 3.12
N GLY A 14 -3.51 10.86 3.09
CA GLY A 14 -2.57 11.44 2.12
C GLY A 14 -2.08 12.83 2.49
N VAL A 15 -2.52 13.32 3.64
CA VAL A 15 -2.19 14.66 4.10
C VAL A 15 -1.57 14.58 5.49
N LEU A 16 -2.30 14.01 6.44
CA LEU A 16 -1.75 13.78 7.78
C LEU A 16 -1.18 12.38 7.96
N PHE A 17 -1.66 11.44 7.15
CA PHE A 17 -1.21 10.03 7.22
C PHE A 17 -0.91 9.53 5.82
N ASP A 18 0.14 8.73 5.71
CA ASP A 18 0.55 8.18 4.41
C ASP A 18 -0.25 6.90 4.09
N THR A 19 -1.57 7.05 3.96
CA THR A 19 -2.48 5.90 3.88
C THR A 19 -3.04 5.63 2.50
N GLU A 20 -2.74 6.46 1.48
CA GLU A 20 -3.48 6.32 0.22
C GLU A 20 -3.24 5.00 -0.48
N LYS A 21 -1.99 4.53 -0.52
CA LYS A 21 -1.77 3.18 -1.10
C LYS A 21 -2.52 2.08 -0.34
N TYR A 22 -2.42 2.12 0.99
CA TYR A 22 -3.10 1.15 1.85
C TYR A 22 -4.61 1.15 1.57
N TYR A 23 -5.19 2.34 1.48
CA TYR A 23 -6.62 2.49 1.30
C TYR A 23 -7.06 1.97 -0.07
N TYR A 24 -6.28 2.32 -1.10
CA TYR A 24 -6.61 1.96 -2.48
C TYR A 24 -6.45 0.46 -2.68
N ASP A 25 -5.36 -0.09 -2.16
CA ASP A 25 -5.08 -1.50 -2.34
C ASP A 25 -6.07 -2.34 -1.56
N ARG A 26 -6.54 -1.86 -0.41
CA ARG A 26 -7.55 -2.61 0.40
C ARG A 26 -8.87 -2.75 -0.40
N ARG A 27 -9.31 -1.64 -1.00
CA ARG A 27 -10.54 -1.66 -1.79
C ARG A 27 -10.36 -2.53 -3.03
N ALA A 28 -9.22 -2.34 -3.70
CA ALA A 28 -8.98 -3.07 -4.93
C ALA A 28 -8.84 -4.57 -4.66
N SER A 29 -8.24 -4.92 -3.53
CA SER A 29 -8.14 -6.32 -3.13
C SER A 29 -9.53 -6.89 -2.85
N PHE A 30 -10.35 -6.16 -2.08
CA PHE A 30 -11.70 -6.58 -1.81
C PHE A 30 -12.47 -6.86 -3.10
N LEU A 31 -12.36 -5.96 -4.06
CA LEU A 31 -13.09 -6.09 -5.32
C LEU A 31 -12.61 -7.32 -6.11
N GLY A 32 -11.29 -7.51 -6.15
CA GLY A 32 -10.69 -8.70 -6.78
C GLY A 32 -11.21 -9.98 -6.15
N GLN A 33 -11.33 -9.99 -4.83
CA GLN A 33 -11.84 -11.14 -4.09
C GLN A 33 -13.29 -11.45 -4.48
N LYS A 34 -14.05 -10.41 -4.80
CA LYS A 34 -15.43 -10.55 -5.26
C LYS A 34 -15.54 -10.83 -6.74
N GLY A 35 -14.40 -10.82 -7.44
CA GLY A 35 -14.39 -11.01 -8.89
C GLY A 35 -14.87 -9.79 -9.66
N ILE A 36 -14.72 -8.60 -9.06
CA ILE A 36 -15.14 -7.33 -9.68
C ILE A 36 -13.95 -6.56 -10.28
N SER A 37 -13.99 -6.31 -11.58
CA SER A 37 -12.93 -5.59 -12.28
C SER A 37 -13.13 -4.07 -12.19
N ILE A 38 -12.05 -3.35 -11.90
CA ILE A 38 -12.08 -1.87 -11.97
C ILE A 38 -11.05 -1.30 -12.95
N ASP A 39 -10.65 -2.11 -13.93
CA ASP A 39 -9.70 -1.71 -14.98
C ASP A 39 -10.14 -0.45 -15.74
N HIS A 40 -11.46 -0.24 -15.81
CA HIS A 40 -12.03 0.87 -16.58
C HIS A 40 -11.98 2.20 -15.84
N LEU A 41 -11.53 2.18 -14.58
CA LEU A 41 -11.62 3.38 -13.73
C LEU A 41 -10.23 3.89 -13.36
N PRO A 42 -10.02 5.23 -13.43
CA PRO A 42 -8.75 5.82 -12.98
C PRO A 42 -8.76 5.92 -11.44
N PRO A 43 -7.57 5.89 -10.79
CA PRO A 43 -7.59 6.10 -9.33
C PRO A 43 -8.31 7.36 -8.83
N SER A 44 -8.27 8.44 -9.60
CA SER A 44 -8.94 9.69 -9.24
C SER A 44 -10.45 9.48 -9.03
N PHE A 45 -11.00 8.42 -9.60
CA PHE A 45 -12.42 8.12 -9.46
C PHE A 45 -12.76 7.73 -8.00
N PHE A 46 -11.82 7.05 -7.37
CA PHE A 46 -12.02 6.50 -6.03
C PHE A 46 -11.50 7.39 -4.90
N ILE A 47 -10.34 7.99 -5.11
CA ILE A 47 -9.61 8.58 -3.99
C ILE A 47 -10.35 9.83 -3.51
N GLY A 48 -10.76 9.80 -2.23
CA GLY A 48 -11.54 10.90 -1.64
C GLY A 48 -13.03 10.83 -1.93
N GLY A 49 -13.44 9.82 -2.71
CA GLY A 49 -14.86 9.61 -3.04
C GLY A 49 -15.59 8.70 -2.06
N ASN A 50 -16.77 8.23 -2.44
CA ASN A 50 -17.57 7.34 -1.60
CA ASN A 50 -17.56 7.33 -1.60
C ASN A 50 -18.08 6.18 -2.45
N THR A 51 -17.59 4.96 -2.18
CA THR A 51 -17.98 3.77 -2.94
CA THR A 51 -17.95 3.77 -2.94
C THR A 51 -19.48 3.51 -2.88
N LYS A 52 -20.10 3.83 -1.74
CA LYS A 52 -21.55 3.69 -1.52
C LYS A 52 -22.45 4.17 -2.67
N GLN A 53 -22.06 5.29 -3.27
CA GLN A 53 -22.87 5.94 -4.29
C GLN A 53 -22.55 5.56 -5.74
N VAL A 54 -21.46 4.84 -5.98
CA VAL A 54 -20.92 4.64 -7.34
C VAL A 54 -20.84 3.19 -7.82
N TRP A 55 -21.68 2.33 -7.25
CA TRP A 55 -21.65 0.91 -7.63
C TRP A 55 -22.06 0.70 -9.10
N GLU A 56 -22.87 1.60 -9.65
CA GLU A 56 -23.26 1.51 -11.06
C GLU A 56 -22.04 1.74 -11.96
N ASN A 57 -21.22 2.72 -11.59
CA ASN A 57 -19.98 3.01 -12.32
C ASN A 57 -18.98 1.86 -12.23
N ILE A 58 -18.96 1.21 -11.06
CA ILE A 58 -18.05 0.10 -10.79
C ILE A 58 -18.46 -1.15 -11.57
N LEU A 59 -19.73 -1.52 -11.43
CA LEU A 59 -20.25 -2.80 -11.92
C LEU A 59 -20.77 -2.74 -13.36
N ARG A 60 -21.09 -1.54 -13.82
CA ARG A 60 -21.55 -1.33 -15.20
C ARG A 60 -22.67 -2.32 -15.53
N ASP A 61 -22.51 -3.11 -16.60
CA ASP A 61 -23.54 -4.07 -17.06
C ASP A 61 -23.91 -5.16 -16.04
N GLU A 62 -23.01 -5.41 -15.09
CA GLU A 62 -23.20 -6.44 -14.07
C GLU A 62 -24.02 -5.92 -12.88
N TYR A 63 -24.34 -4.62 -12.89
CA TYR A 63 -25.01 -3.98 -11.75
C TYR A 63 -26.28 -4.71 -11.31
N ASP A 64 -27.12 -5.07 -12.28
CA ASP A 64 -28.39 -5.75 -12.01
C ASP A 64 -28.22 -7.16 -11.44
N LYS A 65 -27.02 -7.73 -11.59
CA LYS A 65 -26.74 -9.09 -11.11
C LYS A 65 -26.36 -9.16 -9.62
N TRP A 66 -26.00 -8.02 -9.05
CA TRP A 66 -25.51 -7.95 -7.67
C TRP A 66 -26.54 -7.39 -6.70
N ASP A 67 -26.57 -7.97 -5.50
CA ASP A 67 -27.22 -7.36 -4.35
C ASP A 67 -26.25 -6.31 -3.79
N VAL A 68 -26.45 -5.07 -4.25
CA VAL A 68 -25.49 -3.99 -4.01
C VAL A 68 -25.52 -3.53 -2.55
N SER A 69 -26.70 -3.51 -1.96
CA SER A 69 -26.86 -3.22 -0.53
C SER A 69 -25.95 -4.12 0.32
N THR A 70 -26.00 -5.43 0.05
CA THR A 70 -25.19 -6.40 0.79
C THR A 70 -23.71 -6.26 0.45
N LEU A 71 -23.41 -5.97 -0.81
CA LEU A 71 -22.03 -5.75 -1.27
C LEU A 71 -21.39 -4.60 -0.49
N GLN A 72 -22.10 -3.48 -0.40
CA GLN A 72 -21.60 -2.32 0.37
C GLN A 72 -21.44 -2.68 1.85
N GLU A 73 -22.41 -3.38 2.43
CA GLU A 73 -22.29 -3.84 3.83
C GLU A 73 -21.02 -4.68 4.02
N GLU A 74 -20.77 -5.60 3.08
CA GLU A 74 -19.57 -6.45 3.15
CA GLU A 74 -19.57 -6.46 3.13
C GLU A 74 -18.28 -5.65 3.03
N TYR A 75 -18.27 -4.65 2.15
CA TYR A 75 -17.09 -3.77 2.03
C TYR A 75 -16.89 -2.95 3.31
N ASN A 76 -17.97 -2.43 3.89
CA ASN A 76 -17.86 -1.73 5.17
C ASN A 76 -17.26 -2.63 6.26
N THR A 77 -17.74 -3.88 6.30
CA THR A 77 -17.20 -4.85 7.25
C THR A 77 -15.71 -5.11 6.96
N TYR A 78 -15.36 -5.16 5.67
CA TYR A 78 -13.99 -5.42 5.25
C TYR A 78 -13.05 -4.32 5.76
N LYS A 79 -13.48 -3.06 5.64
CA LYS A 79 -12.68 -1.94 6.13
C LYS A 79 -12.50 -2.01 7.66
N GLN A 80 -13.57 -2.42 8.37
CA GLN A 80 -13.51 -2.59 9.81
CA GLN A 80 -13.52 -2.58 9.81
C GLN A 80 -12.53 -3.67 10.22
N ASN A 81 -12.53 -4.77 9.48
CA ASN A 81 -11.67 -5.93 9.76
C ASN A 81 -10.26 -5.81 9.22
N ASN A 82 -10.01 -4.73 8.47
CA ASN A 82 -8.69 -4.47 7.92
C ASN A 82 -8.24 -3.05 8.20
N PRO A 83 -8.06 -2.71 9.50
CA PRO A 83 -7.72 -1.37 9.91
C PRO A 83 -6.34 -0.96 9.39
N LEU A 84 -6.18 0.34 9.11
CA LEU A 84 -4.88 0.87 8.68
C LEU A 84 -4.01 1.30 9.86
N PRO A 85 -2.68 1.11 9.74
CA PRO A 85 -1.77 1.36 10.88
C PRO A 85 -1.39 2.84 11.02
N TYR A 86 -2.33 3.64 11.52
CA TYR A 86 -2.15 5.10 11.59
C TYR A 86 -0.89 5.53 12.34
N LYS A 87 -0.57 4.82 13.41
CA LYS A 87 0.63 5.20 14.19
C LYS A 87 1.90 5.01 13.37
N GLU A 88 1.89 4.04 12.44
CA GLU A 88 3.08 3.81 11.60
C GLU A 88 3.15 4.76 10.41
N LEU A 89 2.02 5.34 10.05
CA LEU A 89 1.88 6.10 8.79
C LEU A 89 1.75 7.61 8.92
N ILE A 90 1.64 8.11 10.16
CA ILE A 90 1.53 9.55 10.37
C ILE A 90 2.77 10.21 9.77
N PHE A 91 2.60 11.31 9.04
CA PHE A 91 3.76 12.02 8.53
C PHE A 91 4.58 12.62 9.69
N PRO A 92 5.91 12.65 9.55
CA PRO A 92 6.82 13.00 10.66
C PRO A 92 6.77 14.46 11.11
N ASP A 93 6.09 15.31 10.33
CA ASP A 93 5.92 16.73 10.63
C ASP A 93 4.51 17.13 11.05
N VAL A 94 3.61 16.16 11.23
CA VAL A 94 2.24 16.47 11.64
C VAL A 94 2.16 17.24 12.97
N LEU A 95 2.72 16.69 14.05
CA LEU A 95 2.64 17.38 15.34
C LEU A 95 3.33 18.76 15.32
N LYS A 96 4.47 18.85 14.63
CA LYS A 96 5.18 20.14 14.48
C LYS A 96 4.24 21.17 13.85
N VAL A 97 3.62 20.78 12.75
CA VAL A 97 2.75 21.70 12.01
C VAL A 97 1.51 22.07 12.83
N LEU A 98 0.82 21.06 13.36
CA LEU A 98 -0.42 21.31 14.13
C LEU A 98 -0.14 22.18 15.37
N ASN A 99 0.95 21.93 16.07
CA ASN A 99 1.32 22.79 17.20
C ASN A 99 1.58 24.23 16.79
N GLU A 100 2.24 24.42 15.65
CA GLU A 100 2.55 25.76 15.21
C GLU A 100 1.29 26.51 14.79
N VAL A 101 0.43 25.85 14.01
CA VAL A 101 -0.87 26.45 13.59
C VAL A 101 -1.70 26.84 14.82
N LYS A 102 -1.77 25.95 15.79
CA LYS A 102 -2.49 26.20 17.05
C LYS A 102 -1.89 27.38 17.81
N SER A 103 -0.56 27.42 17.87
CA SER A 103 0.16 28.49 18.57
CA SER A 103 0.13 28.48 18.59
C SER A 103 -0.12 29.86 17.97
N GLN A 104 -0.34 29.90 16.66
CA GLN A 104 -0.62 31.15 15.95
C GLN A 104 -2.08 31.58 16.13
N GLY A 105 -2.84 30.75 16.83
CA GLY A 105 -4.21 31.08 17.20
C GLY A 105 -5.24 30.82 16.12
N LEU A 106 -4.87 30.00 15.14
CA LEU A 106 -5.80 29.65 14.05
C LEU A 106 -6.74 28.55 14.49
N GLU A 107 -7.97 28.58 13.98
CA GLU A 107 -8.86 27.44 14.13
C GLU A 107 -8.42 26.32 13.20
N ILE A 108 -8.68 25.08 13.61
CA ILE A 108 -8.27 23.93 12.82
C ILE A 108 -9.42 22.95 12.65
N GLY A 109 -9.63 22.51 11.41
CA GLY A 109 -10.60 21.48 11.12
C GLY A 109 -9.95 20.24 10.53
N LEU A 110 -10.64 19.12 10.67
CA LEU A 110 -10.20 17.88 10.06
C LEU A 110 -11.40 17.32 9.32
N ALA A 111 -11.20 16.94 8.08
CA ALA A 111 -12.26 16.29 7.32
C ALA A 111 -11.67 15.10 6.60
N SER A 112 -12.49 14.11 6.32
CA SER A 112 -11.99 12.91 5.64
C SER A 112 -13.17 12.22 5.01
N SER A 113 -12.94 11.58 3.86
CA SER A 113 -13.92 10.64 3.33
C SER A 113 -13.96 9.31 4.10
N SER A 114 -12.98 9.04 4.97
CA SER A 114 -12.98 7.85 5.84
C SER A 114 -14.19 7.93 6.77
N VAL A 115 -14.73 6.77 7.15
CA VAL A 115 -15.81 6.73 8.14
C VAL A 115 -15.35 7.32 9.47
N LYS A 116 -16.30 7.82 10.25
CA LYS A 116 -15.95 8.51 11.48
C LYS A 116 -15.19 7.65 12.50
N ALA A 117 -15.51 6.36 12.58
CA ALA A 117 -14.80 5.41 13.47
C ALA A 117 -13.29 5.40 13.16
N ASP A 118 -12.97 5.41 11.87
CA ASP A 118 -11.56 5.43 11.43
C ASP A 118 -10.88 6.74 11.84
N ILE A 119 -11.54 7.87 11.59
CA ILE A 119 -11.00 9.18 11.98
C ILE A 119 -10.76 9.24 13.47
N PHE A 120 -11.77 8.84 14.26
CA PHE A 120 -11.63 8.88 15.72
C PHE A 120 -10.46 8.03 16.20
N ARG A 121 -10.30 6.86 15.58
CA ARG A 121 -9.21 5.98 15.97
C ARG A 121 -7.85 6.62 15.63
N ALA A 122 -7.76 7.16 14.42
CA ALA A 122 -6.52 7.86 14.02
C ALA A 122 -6.18 8.99 15.00
N LEU A 123 -7.18 9.78 15.41
CA LEU A 123 -6.93 10.88 16.37
C LEU A 123 -6.48 10.39 17.74
N GLU A 124 -7.18 9.38 18.25
CA GLU A 124 -6.92 8.89 19.60
CA GLU A 124 -6.92 8.89 19.60
C GLU A 124 -5.55 8.24 19.66
N GLU A 125 -5.27 7.41 18.66
CA GLU A 125 -4.00 6.66 18.61
C GLU A 125 -2.77 7.54 18.53
N ASN A 126 -2.92 8.71 17.94
CA ASN A 126 -1.80 9.61 17.69
C ASN A 126 -1.78 10.87 18.53
N ARG A 127 -2.66 10.91 19.52
CA ARG A 127 -2.82 12.06 20.43
C ARG A 127 -3.04 13.38 19.67
N LEU A 128 -3.97 13.35 18.73
CA LEU A 128 -4.31 14.52 17.90
C LEU A 128 -5.65 15.19 18.24
N GLN A 129 -6.37 14.63 19.21
CA GLN A 129 -7.72 15.13 19.55
C GLN A 129 -7.78 16.61 19.89
N GLY A 130 -6.77 17.09 20.61
CA GLY A 130 -6.79 18.46 21.13
C GLY A 130 -6.56 19.54 20.08
N PHE A 131 -6.18 19.16 18.86
CA PHE A 131 -5.90 20.15 17.82
C PHE A 131 -7.12 20.68 17.08
N PHE A 132 -8.19 19.88 17.00
CA PHE A 132 -9.24 20.18 16.03
C PHE A 132 -10.51 20.76 16.66
N ASP A 133 -10.90 21.92 16.16
CA ASP A 133 -12.14 22.56 16.54
C ASP A 133 -13.35 21.80 16.01
N ILE A 134 -13.21 21.24 14.80
CA ILE A 134 -14.30 20.51 14.14
C ILE A 134 -13.70 19.30 13.44
N VAL A 135 -14.38 18.15 13.51
CA VAL A 135 -13.93 16.92 12.81
C VAL A 135 -15.15 16.38 12.06
N LEU A 136 -15.01 16.15 10.75
CA LEU A 136 -16.14 15.73 9.91
C LEU A 136 -15.76 14.54 9.03
N SER A 137 -16.69 13.60 8.89
CA SER A 137 -16.57 12.44 7.98
C SER A 137 -17.57 12.57 6.82
N GLY A 138 -17.12 12.19 5.62
CA GLY A 138 -18.01 12.06 4.47
C GLY A 138 -19.20 11.17 4.72
N GLU A 139 -19.05 10.23 5.67
CA GLU A 139 -20.14 9.36 6.14
C GLU A 139 -21.37 10.16 6.58
N GLU A 140 -21.15 11.40 7.05
CA GLU A 140 -22.20 12.24 7.62
C GLU A 140 -23.00 13.00 6.56
N PHE A 141 -22.58 12.88 5.30
CA PHE A 141 -23.17 13.67 4.22
C PHE A 141 -23.69 12.82 3.09
N LYS A 142 -24.83 13.25 2.58
CA LYS A 142 -25.44 12.63 1.42
C LYS A 142 -24.54 12.75 0.18
N GLU A 143 -23.93 13.92 -0.02
CA GLU A 143 -23.19 14.21 -1.24
C GLU A 143 -21.68 13.94 -1.11
N SER A 144 -21.16 13.03 -1.95
CA SER A 144 -19.73 12.71 -1.95
CA SER A 144 -19.72 12.70 -1.97
C SER A 144 -18.91 13.84 -2.57
N LYS A 145 -17.64 13.94 -2.17
CA LYS A 145 -16.70 14.78 -2.92
C LYS A 145 -16.78 14.23 -4.36
N PRO A 146 -16.70 15.10 -5.38
CA PRO A 146 -16.33 16.52 -5.44
C PRO A 146 -17.41 17.53 -5.01
N ASN A 147 -18.58 17.07 -4.56
CA ASN A 147 -19.57 18.01 -4.04
C ASN A 147 -18.95 18.75 -2.83
N PRO A 148 -19.13 20.09 -2.74
CA PRO A 148 -18.53 20.86 -1.65
C PRO A 148 -19.20 20.75 -0.24
N GLU A 149 -20.27 19.96 -0.12
CA GLU A 149 -21.05 19.87 1.14
CA GLU A 149 -21.04 19.94 1.13
C GLU A 149 -20.19 19.79 2.39
N ILE A 150 -19.28 18.81 2.42
CA ILE A 150 -18.46 18.62 3.63
C ILE A 150 -17.66 19.88 4.00
N TYR A 151 -17.08 20.55 3.00
CA TYR A 151 -16.29 21.75 3.29
C TYR A 151 -17.15 22.97 3.61
N LEU A 152 -18.29 23.10 2.96
CA LEU A 152 -19.22 24.19 3.31
C LEU A 152 -19.71 24.00 4.77
N THR A 153 -19.88 22.75 5.19
CA THR A 153 -20.32 22.46 6.56
C THR A 153 -19.17 22.79 7.54
N ALA A 154 -17.95 22.45 7.17
CA ALA A 154 -16.76 22.78 7.97
C ALA A 154 -16.66 24.28 8.22
N LEU A 155 -16.84 25.08 7.17
CA LEU A 155 -16.80 26.55 7.31
C LEU A 155 -17.87 27.03 8.28
N LYS A 156 -19.10 26.50 8.12
CA LYS A 156 -20.22 26.91 8.99
C LYS A 156 -19.92 26.58 10.47
N GLN A 157 -19.44 25.36 10.70
CA GLN A 157 -19.18 24.90 12.06
C GLN A 157 -17.96 25.57 12.67
N LEU A 158 -16.97 25.91 11.85
CA LEU A 158 -15.83 26.69 12.33
C LEU A 158 -16.14 28.18 12.56
N ASN A 159 -17.30 28.61 12.05
CA ASN A 159 -17.69 30.02 11.95
C ASN A 159 -16.61 30.91 11.31
N VAL A 160 -16.16 30.48 10.14
CA VAL A 160 -15.14 31.21 9.37
CA VAL A 160 -15.13 31.20 9.37
C VAL A 160 -15.61 31.32 7.93
N GLN A 161 -15.44 32.50 7.34
CA GLN A 161 -15.80 32.74 5.94
CA GLN A 161 -15.82 32.70 5.94
C GLN A 161 -14.80 32.06 5.01
N ALA A 162 -15.26 31.61 3.85
CA ALA A 162 -14.38 30.92 2.89
C ALA A 162 -13.11 31.71 2.59
N SER A 163 -13.22 33.04 2.45
CA SER A 163 -12.07 33.88 2.09
C SER A 163 -10.96 33.90 3.14
N ARG A 164 -11.26 33.42 4.35
CA ARG A 164 -10.28 33.43 5.44
C ARG A 164 -9.90 32.02 5.90
N ALA A 165 -10.15 31.07 5.03
CA ALA A 165 -9.82 29.68 5.28
C ALA A 165 -8.83 29.16 4.23
N LEU A 166 -8.14 28.08 4.58
CA LEU A 166 -7.33 27.32 3.64
C LEU A 166 -7.71 25.85 3.80
N ILE A 167 -7.72 25.11 2.70
CA ILE A 167 -7.90 23.66 2.76
C ILE A 167 -6.62 22.99 2.26
N ILE A 168 -6.12 22.01 3.02
CA ILE A 168 -4.98 21.22 2.60
C ILE A 168 -5.49 19.82 2.18
N GLU A 169 -5.38 19.55 0.88
CA GLU A 169 -5.93 18.34 0.28
C GLU A 169 -4.87 17.49 -0.41
N ASP A 170 -5.29 16.36 -0.98
CA ASP A 170 -4.42 15.58 -1.87
C ASP A 170 -5.11 15.09 -3.14
N SER A 171 -6.39 14.71 -3.07
CA SER A 171 -7.05 14.04 -4.22
C SER A 171 -7.67 15.02 -5.21
N GLU A 172 -7.84 14.55 -6.44
CA GLU A 172 -8.54 15.33 -7.45
C GLU A 172 -9.94 15.73 -6.97
N LYS A 173 -10.69 14.77 -6.44
CA LYS A 173 -12.08 15.03 -5.98
C LYS A 173 -12.13 15.94 -4.74
N GLY A 174 -11.17 15.75 -3.82
CA GLY A 174 -11.02 16.58 -2.62
C GLY A 174 -10.65 18.02 -2.93
N ILE A 175 -9.70 18.21 -3.83
CA ILE A 175 -9.35 19.54 -4.34
C ILE A 175 -10.61 20.21 -4.95
N ALA A 176 -11.31 19.46 -5.80
CA ALA A 176 -12.51 19.95 -6.47
C ALA A 176 -13.58 20.38 -5.47
N ALA A 177 -13.76 19.59 -4.41
CA ALA A 177 -14.74 19.91 -3.33
C ALA A 177 -14.39 21.21 -2.65
N GLY A 178 -13.09 21.40 -2.41
CA GLY A 178 -12.60 22.58 -1.71
C GLY A 178 -12.80 23.81 -2.57
N VAL A 179 -12.40 23.69 -3.83
CA VAL A 179 -12.54 24.81 -4.78
C VAL A 179 -14.04 25.17 -4.93
N ALA A 180 -14.91 24.16 -5.00
CA ALA A 180 -16.35 24.37 -5.12
C ALA A 180 -16.99 25.02 -3.88
N ALA A 181 -16.28 24.97 -2.75
CA ALA A 181 -16.70 25.65 -1.52
C ALA A 181 -16.17 27.09 -1.49
N ASP A 182 -15.47 27.44 -2.58
CA ASP A 182 -14.77 28.72 -2.78
C ASP A 182 -13.70 29.02 -1.73
N VAL A 183 -12.95 27.97 -1.38
CA VAL A 183 -11.84 28.09 -0.45
C VAL A 183 -10.55 27.83 -1.21
N GLU A 184 -9.51 28.59 -0.89
CA GLU A 184 -8.19 28.37 -1.48
C GLU A 184 -7.68 27.01 -1.05
N VAL A 185 -7.27 26.20 -2.01
CA VAL A 185 -6.79 24.84 -1.74
C VAL A 185 -5.31 24.68 -2.10
N TRP A 186 -4.52 24.10 -1.19
CA TRP A 186 -3.18 23.62 -1.53
C TRP A 186 -3.14 22.11 -1.38
N ALA A 187 -2.40 21.46 -2.27
CA ALA A 187 -2.39 19.99 -2.28
C ALA A 187 -1.01 19.40 -2.05
N ILE A 188 -0.92 18.42 -1.18
CA ILE A 188 0.26 17.57 -1.09
C ILE A 188 0.45 16.90 -2.44
N ARG A 189 1.62 17.10 -3.05
CA ARG A 189 1.89 16.60 -4.41
C ARG A 189 1.68 15.08 -4.52
N ASP A 190 0.95 14.68 -5.56
CA ASP A 190 0.68 13.26 -5.83
C ASP A 190 1.71 12.73 -6.82
N ASN A 191 2.68 11.97 -6.33
CA ASN A 191 3.70 11.37 -7.19
C ASN A 191 3.41 9.90 -7.42
N GLU A 192 2.21 9.46 -7.03
CA GLU A 192 1.88 8.04 -7.00
C GLU A 192 0.72 7.62 -7.92
N PHE A 193 -0.35 8.40 -7.91
CA PHE A 193 -1.60 7.99 -8.58
C PHE A 193 -1.95 8.66 -9.90
N GLY A 194 -1.13 9.64 -10.29
CA GLY A 194 -1.34 10.37 -11.55
C GLY A 194 -2.55 11.29 -11.57
N ASP A 196 -4.82 14.65 -11.35
CA ASP A 196 -4.66 16.01 -11.84
C ASP A 196 -4.98 16.96 -10.68
N GLN A 197 -3.94 17.60 -10.16
CA GLN A 197 -4.09 18.49 -9.02
C GLN A 197 -4.00 19.97 -9.44
N SER A 198 -4.20 20.24 -10.72
CA SER A 198 -4.05 21.60 -11.25
C SER A 198 -5.11 22.61 -10.76
N ALA A 199 -6.22 22.12 -10.21
CA ALA A 199 -7.25 23.03 -9.68
C ALA A 199 -6.82 23.66 -8.36
N ALA A 200 -5.85 23.06 -7.67
CA ALA A 200 -5.29 23.65 -6.44
C ALA A 200 -4.52 24.94 -6.80
N LYS A 201 -4.50 25.86 -5.85
CA LYS A 201 -3.73 27.11 -5.99
C LYS A 201 -2.24 26.80 -6.16
N GLY A 202 -1.76 25.77 -5.46
CA GLY A 202 -0.39 25.32 -5.59
C GLY A 202 -0.20 23.96 -4.95
N LEU A 203 0.98 23.39 -5.17
CA LEU A 203 1.31 22.06 -4.65
C LEU A 203 2.34 22.15 -3.53
N LEU A 204 2.32 21.19 -2.61
CA LEU A 204 3.17 21.19 -1.43
C LEU A 204 3.97 19.91 -1.42
N ASP A 205 5.24 20.02 -1.08
CA ASP A 205 6.05 18.81 -0.99
C ASP A 205 5.88 18.04 0.32
N SER A 206 5.63 18.77 1.41
CA SER A 206 5.31 18.16 2.70
C SER A 206 4.38 19.06 3.49
N LEU A 207 3.84 18.56 4.60
CA LEU A 207 2.97 19.39 5.44
C LEU A 207 3.68 20.61 6.00
N THR A 208 5.00 20.53 6.18
CA THR A 208 5.77 21.67 6.66
C THR A 208 5.60 22.91 5.77
N ASP A 209 5.42 22.68 4.45
CA ASP A 209 5.17 23.75 3.48
C ASP A 209 3.92 24.60 3.79
N VAL A 210 2.96 23.99 4.50
CA VAL A 210 1.74 24.68 4.95
C VAL A 210 2.08 25.92 5.77
N LEU A 211 3.16 25.85 6.58
CA LEU A 211 3.56 26.97 7.45
C LEU A 211 3.96 28.23 6.71
N ASP A 212 4.35 28.06 5.43
CA ASP A 212 4.69 29.20 4.56
C ASP A 212 3.46 29.89 3.98
N LEU A 213 2.27 29.31 4.19
CA LEU A 213 1.01 29.85 3.65
C LEU A 213 0.32 30.83 4.60
N ILE A 214 0.85 30.90 5.82
CA ILE A 214 0.30 31.73 6.90
C ILE A 214 1.39 32.61 7.53
N ASN B 2 22.76 -29.66 11.40
CA ASN B 2 23.04 -30.50 12.61
C ASN B 2 23.49 -29.62 13.78
N ALA B 3 22.88 -28.44 13.88
CA ALA B 3 23.17 -27.51 14.97
C ALA B 3 21.87 -26.92 15.52
N VAL B 5 19.00 -24.49 16.13
CA VAL B 5 18.37 -23.38 15.40
C VAL B 5 17.48 -22.60 16.36
N GLU B 6 17.86 -21.34 16.55
CA GLU B 6 17.12 -20.40 17.41
C GLU B 6 16.15 -19.48 16.64
N ALA B 7 16.41 -19.25 15.35
CA ALA B 7 15.54 -18.40 14.53
C ALA B 7 15.48 -18.86 13.08
N ILE B 8 14.33 -18.65 12.44
CA ILE B 8 14.21 -18.86 11.00
C ILE B 8 13.76 -17.55 10.39
N ILE B 9 14.45 -17.14 9.33
CA ILE B 9 14.11 -15.93 8.59
C ILE B 9 13.60 -16.33 7.20
N PHE B 10 12.39 -15.90 6.86
CA PHE B 10 11.78 -16.25 5.57
C PHE B 10 11.79 -15.07 4.63
N ASP B 11 12.15 -15.31 3.37
CA ASP B 11 11.78 -14.40 2.32
C ASP B 11 10.25 -14.54 2.11
N ASP B 13 8.00 -13.27 -1.22
CA ASP B 13 7.74 -13.72 -2.61
C ASP B 13 8.52 -15.01 -2.91
N GLY B 14 7.83 -16.03 -3.45
CA GLY B 14 8.46 -17.28 -3.86
C GLY B 14 8.66 -18.30 -2.73
N VAL B 15 8.44 -17.85 -1.50
CA VAL B 15 8.64 -18.69 -0.33
C VAL B 15 7.33 -18.87 0.46
N LEU B 16 6.70 -17.75 0.82
CA LEU B 16 5.40 -17.78 1.50
C LEU B 16 4.23 -17.61 0.52
N PHE B 17 4.50 -16.93 -0.60
CA PHE B 17 3.47 -16.69 -1.62
C PHE B 17 4.05 -17.03 -2.98
N ASP B 18 3.24 -17.69 -3.80
CA ASP B 18 3.64 -18.13 -5.13
C ASP B 18 3.31 -17.01 -6.12
N THR B 19 4.31 -16.16 -6.38
CA THR B 19 4.07 -14.84 -6.98
C THR B 19 4.57 -14.71 -8.41
N GLU B 20 5.58 -15.49 -8.79
CA GLU B 20 6.32 -15.20 -10.04
C GLU B 20 5.40 -15.22 -11.28
N LYS B 21 4.63 -16.30 -11.47
CA LYS B 21 3.73 -16.39 -12.61
C LYS B 21 2.67 -15.29 -12.61
N TYR B 22 2.13 -14.98 -11.43
CA TYR B 22 1.13 -13.92 -11.34
C TYR B 22 1.69 -12.56 -11.80
N TYR B 23 2.89 -12.19 -11.34
CA TYR B 23 3.57 -10.96 -11.78
C TYR B 23 3.68 -10.95 -13.31
N TYR B 24 4.14 -12.07 -13.86
CA TYR B 24 4.32 -12.19 -15.31
C TYR B 24 2.99 -12.02 -16.03
N ASP B 25 1.97 -12.75 -15.56
CA ASP B 25 0.67 -12.75 -16.21
C ASP B 25 -0.04 -11.39 -16.09
N ARG B 26 0.17 -10.70 -14.97
CA ARG B 26 -0.42 -9.38 -14.81
C ARG B 26 0.15 -8.41 -15.86
N ARG B 27 1.47 -8.46 -16.05
CA ARG B 27 2.11 -7.61 -17.09
C ARG B 27 1.57 -7.99 -18.47
N ALA B 28 1.53 -9.29 -18.74
CA ALA B 28 0.99 -9.80 -20.01
C ALA B 28 -0.44 -9.36 -20.29
N SER B 29 -1.30 -9.40 -19.25
CA SER B 29 -2.68 -8.95 -19.37
C SER B 29 -2.77 -7.45 -19.71
N PHE B 30 -1.97 -6.64 -19.02
CA PHE B 30 -1.94 -5.20 -19.30
C PHE B 30 -1.56 -4.97 -20.78
N LEU B 31 -0.48 -5.60 -21.20
CA LEU B 31 0.02 -5.46 -22.59
C LEU B 31 -1.01 -5.96 -23.61
N GLY B 32 -1.66 -7.08 -23.29
CA GLY B 32 -2.73 -7.62 -24.13
C GLY B 32 -3.85 -6.61 -24.35
N GLN B 33 -4.18 -5.86 -23.32
CA GLN B 33 -5.21 -4.82 -23.39
C GLN B 33 -4.81 -3.67 -24.35
N LYS B 34 -3.50 -3.40 -24.43
CA LYS B 34 -2.93 -2.38 -25.34
C LYS B 34 -2.72 -2.92 -26.77
N GLY B 35 -2.92 -4.21 -26.95
CA GLY B 35 -2.65 -4.88 -28.22
C GLY B 35 -1.16 -5.18 -28.43
N ILE B 36 -0.41 -5.27 -27.33
CA ILE B 36 1.05 -5.51 -27.38
C ILE B 36 1.33 -6.95 -26.94
N SER B 37 2.04 -7.70 -27.78
CA SER B 37 2.35 -9.09 -27.49
CA SER B 37 2.37 -9.10 -27.52
C SER B 37 3.65 -9.19 -26.69
N ILE B 38 3.69 -10.15 -25.75
CA ILE B 38 4.92 -10.39 -24.99
C ILE B 38 5.38 -11.86 -25.15
N ASP B 39 4.88 -12.53 -26.18
CA ASP B 39 5.21 -13.93 -26.44
C ASP B 39 6.71 -14.17 -26.62
N HIS B 40 7.44 -13.17 -27.09
CA HIS B 40 8.88 -13.27 -27.32
C HIS B 40 9.73 -13.17 -26.04
N LEU B 41 9.10 -12.79 -24.92
CA LEU B 41 9.79 -12.74 -23.64
C LEU B 41 9.12 -13.70 -22.66
N PRO B 42 9.62 -14.95 -22.61
CA PRO B 42 9.08 -15.90 -21.64
C PRO B 42 9.37 -15.46 -20.18
N PRO B 43 8.69 -16.07 -19.20
CA PRO B 43 8.95 -15.72 -17.79
C PRO B 43 10.44 -15.71 -17.43
N SER B 44 11.22 -16.62 -18.00
CA SER B 44 12.65 -16.71 -17.73
C SER B 44 13.42 -15.42 -18.03
N PHE B 45 12.93 -14.65 -19.00
CA PHE B 45 13.57 -13.38 -19.38
C PHE B 45 13.66 -12.45 -18.17
N PHE B 46 12.63 -12.50 -17.32
CA PHE B 46 12.49 -11.58 -16.18
C PHE B 46 13.17 -12.10 -14.90
N ILE B 47 13.83 -13.25 -15.00
CA ILE B 47 14.55 -13.88 -13.88
C ILE B 47 16.00 -13.38 -13.81
N GLN B 53 12.93 -1.08 -16.97
CA GLN B 53 14.19 -1.09 -17.70
C GLN B 53 14.04 -1.72 -19.09
N VAL B 54 12.91 -2.37 -19.36
CA VAL B 54 12.88 -3.27 -20.50
C VAL B 54 11.81 -2.95 -21.55
N TRP B 55 11.35 -1.71 -21.61
CA TRP B 55 10.28 -1.40 -22.60
C TRP B 55 10.76 -1.64 -24.03
N GLU B 56 12.03 -1.35 -24.30
CA GLU B 56 12.56 -1.63 -25.64
CA GLU B 56 12.65 -1.64 -25.62
C GLU B 56 12.54 -3.12 -25.96
N ASN B 57 12.86 -3.97 -24.99
CA ASN B 57 12.74 -5.41 -25.19
C ASN B 57 11.28 -5.81 -25.43
N ILE B 58 10.39 -5.31 -24.57
CA ILE B 58 8.96 -5.63 -24.67
C ILE B 58 8.38 -5.21 -26.03
N LEU B 59 8.62 -3.97 -26.43
CA LEU B 59 7.97 -3.41 -27.62
C LEU B 59 8.61 -3.89 -28.92
N ARG B 60 9.90 -4.25 -28.83
CA ARG B 60 10.64 -4.84 -29.94
C ARG B 60 10.50 -3.97 -31.20
N ASP B 61 9.92 -4.52 -32.25
CA ASP B 61 9.78 -3.78 -33.50
C ASP B 61 8.85 -2.55 -33.37
N GLU B 62 7.99 -2.55 -32.36
CA GLU B 62 6.99 -1.49 -32.18
CA GLU B 62 7.00 -1.47 -32.21
C GLU B 62 7.53 -0.33 -31.32
N TYR B 63 8.80 -0.40 -30.90
CA TYR B 63 9.29 0.58 -29.91
C TYR B 63 9.00 2.04 -30.29
N ASP B 64 9.26 2.41 -31.54
CA ASP B 64 9.15 3.80 -31.97
C ASP B 64 7.70 4.31 -32.12
N LYS B 65 6.75 3.39 -32.05
CA LYS B 65 5.32 3.64 -32.23
C LYS B 65 4.62 4.04 -30.91
N TRP B 66 5.35 3.96 -29.77
CA TRP B 66 4.76 4.17 -28.43
C TRP B 66 5.42 5.26 -27.62
N ASP B 67 4.61 6.04 -26.91
CA ASP B 67 5.12 6.94 -25.88
C ASP B 67 5.33 6.07 -24.64
N VAL B 68 6.59 5.76 -24.35
CA VAL B 68 6.92 4.84 -23.26
C VAL B 68 6.57 5.41 -21.87
N SER B 69 6.69 6.73 -21.67
CA SER B 69 6.30 7.35 -20.40
CA SER B 69 6.31 7.34 -20.39
C SER B 69 4.84 7.07 -20.11
N THR B 70 4.00 7.21 -21.14
CA THR B 70 2.58 6.98 -20.97
C THR B 70 2.25 5.51 -20.72
N LEU B 71 2.96 4.62 -21.43
CA LEU B 71 2.80 3.19 -21.15
C LEU B 71 3.15 2.86 -19.70
N GLN B 72 4.25 3.42 -19.21
CA GLN B 72 4.64 3.18 -17.81
C GLN B 72 3.54 3.67 -16.86
N GLU B 73 3.03 4.87 -17.11
CA GLU B 73 1.95 5.44 -16.28
C GLU B 73 0.72 4.52 -16.28
N GLU B 74 0.31 4.06 -17.46
CA GLU B 74 -0.87 3.17 -17.58
C GLU B 74 -0.63 1.82 -16.92
N TYR B 75 0.58 1.28 -17.05
CA TYR B 75 0.92 0.00 -16.40
C TYR B 75 0.89 0.15 -14.89
N ASN B 76 1.40 1.27 -14.39
CA ASN B 76 1.34 1.57 -12.96
C ASN B 76 -0.11 1.62 -12.45
N THR B 77 -0.98 2.26 -13.22
CA THR B 77 -2.40 2.34 -12.87
C THR B 77 -3.01 0.94 -12.86
N TYR B 78 -2.65 0.15 -13.87
CA TYR B 78 -3.11 -1.24 -13.97
C TYR B 78 -2.74 -2.07 -12.73
N LYS B 79 -1.50 -1.95 -12.25
CA LYS B 79 -1.07 -2.65 -11.03
C LYS B 79 -1.80 -2.17 -9.76
N GLN B 80 -2.10 -0.88 -9.71
CA GLN B 80 -2.91 -0.35 -8.63
C GLN B 80 -4.32 -0.94 -8.64
N ASN B 81 -4.87 -1.10 -9.84
CA ASN B 81 -6.20 -1.70 -10.00
C ASN B 81 -6.24 -3.22 -9.92
N ASN B 82 -5.06 -3.83 -9.97
CA ASN B 82 -4.95 -5.29 -9.91
C ASN B 82 -3.88 -5.72 -8.90
N PRO B 83 -4.11 -5.45 -7.60
CA PRO B 83 -3.11 -5.82 -6.58
C PRO B 83 -2.89 -7.33 -6.52
N LEU B 84 -1.66 -7.74 -6.20
CA LEU B 84 -1.39 -9.19 -6.03
C LEU B 84 -2.40 -9.81 -5.04
N PRO B 85 -3.12 -10.87 -5.45
CA PRO B 85 -4.13 -11.49 -4.55
C PRO B 85 -3.45 -12.46 -3.58
N TYR B 86 -2.90 -11.90 -2.50
CA TYR B 86 -2.10 -12.72 -1.57
C TYR B 86 -2.85 -13.90 -1.01
N LYS B 87 -4.15 -13.73 -0.78
CA LYS B 87 -4.99 -14.81 -0.23
C LYS B 87 -5.04 -16.00 -1.17
N GLU B 88 -5.03 -15.71 -2.48
CA GLU B 88 -5.04 -16.76 -3.50
C GLU B 88 -3.70 -17.40 -3.67
N LEU B 89 -2.63 -16.65 -3.47
CA LEU B 89 -1.28 -17.12 -3.84
C LEU B 89 -0.47 -17.71 -2.70
N ILE B 90 -0.95 -17.57 -1.46
CA ILE B 90 -0.22 -18.14 -0.31
C ILE B 90 -0.01 -19.65 -0.53
N PHE B 91 1.15 -20.18 -0.19
CA PHE B 91 1.33 -21.64 -0.23
C PHE B 91 0.45 -22.27 0.87
N PRO B 92 -0.16 -23.44 0.59
CA PRO B 92 -1.16 -23.99 1.52
C PRO B 92 -0.62 -24.51 2.88
N ASP B 93 0.70 -24.57 3.02
CA ASP B 93 1.33 -25.01 4.30
C ASP B 93 1.95 -23.87 5.12
N VAL B 94 1.82 -22.65 4.64
CA VAL B 94 2.44 -21.52 5.32
C VAL B 94 1.98 -21.39 6.78
N LEU B 95 0.68 -21.28 7.02
CA LEU B 95 0.25 -21.05 8.41
C LEU B 95 0.60 -22.22 9.30
N LYS B 96 0.41 -23.43 8.78
CA LYS B 96 0.76 -24.64 9.55
C LYS B 96 2.24 -24.64 9.96
N VAL B 97 3.11 -24.38 8.99
CA VAL B 97 4.56 -24.36 9.26
C VAL B 97 4.95 -23.27 10.25
N LEU B 98 4.52 -22.03 10.00
CA LEU B 98 4.83 -20.92 10.92
C LEU B 98 4.32 -21.19 12.33
N ASN B 99 3.11 -21.73 12.42
CA ASN B 99 2.52 -22.05 13.73
C ASN B 99 3.37 -23.08 14.48
N GLU B 100 3.86 -24.08 13.76
CA GLU B 100 4.69 -25.13 14.36
C GLU B 100 6.08 -24.60 14.80
N VAL B 101 6.69 -23.79 13.95
CA VAL B 101 7.96 -23.11 14.27
C VAL B 101 7.78 -22.30 15.58
N LYS B 102 6.71 -21.52 15.63
CA LYS B 102 6.36 -20.76 16.83
C LYS B 102 6.13 -21.66 18.06
N SER B 103 5.39 -22.76 17.90
CA SER B 103 5.15 -23.69 19.02
C SER B 103 6.44 -24.22 19.59
N GLN B 104 7.43 -24.44 18.73
CA GLN B 104 8.72 -24.97 19.14
C GLN B 104 9.61 -23.92 19.82
N GLY B 105 9.13 -22.69 19.88
CA GLY B 105 9.81 -21.61 20.62
C GLY B 105 10.88 -20.87 19.83
N LEU B 106 10.90 -21.05 18.51
CA LEU B 106 11.85 -20.34 17.68
C LEU B 106 11.40 -18.92 17.39
N GLU B 107 12.37 -18.01 17.26
CA GLU B 107 12.09 -16.69 16.71
C GLU B 107 11.90 -16.76 15.20
N ILE B 108 11.08 -15.85 14.68
CA ILE B 108 10.76 -15.90 13.26
C ILE B 108 10.86 -14.49 12.70
N GLY B 109 11.59 -14.38 11.58
CA GLY B 109 11.77 -13.11 10.90
C GLY B 109 11.21 -13.20 9.50
N LEU B 110 10.81 -12.06 8.98
CA LEU B 110 10.42 -11.94 7.58
CA LEU B 110 10.43 -11.95 7.57
C LEU B 110 11.27 -10.86 6.93
N ALA B 111 11.91 -11.21 5.81
CA ALA B 111 12.66 -10.24 5.04
C ALA B 111 12.10 -10.24 3.64
N SER B 112 11.82 -9.06 3.09
CA SER B 112 11.20 -8.99 1.78
C SER B 112 11.68 -7.76 1.02
N SER B 113 11.92 -7.92 -0.29
CA SER B 113 12.27 -6.80 -1.17
CA SER B 113 12.28 -6.79 -1.14
C SER B 113 11.03 -5.97 -1.50
N SER B 114 9.86 -6.49 -1.18
CA SER B 114 8.59 -5.77 -1.46
C SER B 114 8.46 -4.54 -0.58
N VAL B 115 7.69 -3.55 -1.02
CA VAL B 115 7.52 -2.32 -0.26
C VAL B 115 6.69 -2.63 0.98
N LYS B 116 6.87 -1.84 2.04
CA LYS B 116 6.20 -2.15 3.31
C LYS B 116 4.68 -2.23 3.20
N ALA B 117 4.06 -1.38 2.38
CA ALA B 117 2.60 -1.42 2.24
C ALA B 117 2.12 -2.78 1.73
N ASP B 118 2.91 -3.40 0.84
CA ASP B 118 2.56 -4.71 0.30
C ASP B 118 2.78 -5.85 1.29
N ILE B 119 3.88 -5.77 2.04
CA ILE B 119 4.15 -6.72 3.14
C ILE B 119 3.01 -6.66 4.16
N PHE B 120 2.64 -5.45 4.55
CA PHE B 120 1.52 -5.25 5.48
C PHE B 120 0.25 -5.95 4.99
N ARG B 121 -0.12 -5.70 3.73
CA ARG B 121 -1.35 -6.26 3.20
C ARG B 121 -1.26 -7.79 3.12
N ALA B 122 -0.13 -8.32 2.66
CA ALA B 122 0.06 -9.79 2.56
C ALA B 122 -0.14 -10.45 3.93
N LEU B 123 0.49 -9.88 4.96
CA LEU B 123 0.38 -10.46 6.32
C LEU B 123 -1.02 -10.31 6.90
N GLU B 124 -1.59 -9.13 6.77
CA GLU B 124 -2.93 -8.87 7.32
C GLU B 124 -4.02 -9.69 6.63
N GLU B 125 -3.92 -9.83 5.31
CA GLU B 125 -4.90 -10.60 4.55
C GLU B 125 -4.88 -12.09 4.94
N ASN B 126 -3.74 -12.55 5.42
CA ASN B 126 -3.56 -13.98 5.72
C ASN B 126 -3.36 -14.32 7.19
N ARG B 127 -3.70 -13.39 8.09
CA ARG B 127 -3.61 -13.64 9.55
C ARG B 127 -2.17 -14.02 9.99
N LEU B 128 -1.17 -13.37 9.39
CA LEU B 128 0.22 -13.81 9.57
C LEU B 128 1.05 -12.97 10.50
N GLN B 129 0.56 -11.77 10.80
CA GLN B 129 1.41 -10.79 11.43
C GLN B 129 1.91 -11.25 12.82
N GLY B 130 1.08 -12.03 13.52
CA GLY B 130 1.44 -12.51 14.84
C GLY B 130 2.54 -13.55 14.89
N PHE B 131 2.91 -14.12 13.73
CA PHE B 131 3.98 -15.13 13.72
C PHE B 131 5.38 -14.51 13.73
N PHE B 132 5.47 -13.26 13.32
CA PHE B 132 6.80 -12.68 13.09
C PHE B 132 7.27 -11.77 14.21
N ASP B 133 8.45 -12.07 14.71
CA ASP B 133 9.11 -11.24 15.70
C ASP B 133 9.64 -9.94 15.07
N ILE B 134 10.20 -10.08 13.86
CA ILE B 134 10.81 -8.96 13.15
C ILE B 134 10.35 -9.05 11.70
N VAL B 135 9.96 -7.90 11.12
CA VAL B 135 9.60 -7.83 9.69
C VAL B 135 10.42 -6.71 9.05
N LEU B 136 11.11 -7.03 7.94
CA LEU B 136 11.93 -6.05 7.25
C LEU B 136 11.58 -5.93 5.77
N SER B 137 11.60 -4.69 5.27
CA SER B 137 11.42 -4.44 3.83
C SER B 137 12.74 -3.97 3.22
N GLY B 138 13.09 -4.48 2.04
CA GLY B 138 14.25 -3.96 1.30
C GLY B 138 14.19 -2.46 1.02
N GLU B 139 12.99 -1.89 1.06
CA GLU B 139 12.83 -0.47 0.73
CA GLU B 139 12.81 -0.47 0.75
C GLU B 139 13.38 0.46 1.82
N GLU B 140 13.63 -0.06 3.02
CA GLU B 140 14.27 0.80 4.02
CA GLU B 140 14.26 0.71 4.10
C GLU B 140 15.81 0.67 4.06
N PHE B 141 16.36 -0.03 3.07
CA PHE B 141 17.83 -0.19 2.96
C PHE B 141 18.38 0.46 1.69
N LYS B 142 19.55 1.08 1.82
CA LYS B 142 20.28 1.57 0.66
C LYS B 142 20.64 0.35 -0.18
N GLU B 143 21.00 -0.73 0.50
CA GLU B 143 21.50 -1.95 -0.14
C GLU B 143 20.36 -2.82 -0.69
N SER B 144 20.65 -3.55 -1.77
CA SER B 144 19.74 -4.57 -2.29
C SER B 144 20.46 -5.92 -2.39
N LYS B 145 19.69 -7.00 -2.34
CA LYS B 145 20.25 -8.34 -2.59
C LYS B 145 20.98 -8.26 -3.92
N PRO B 146 22.14 -8.95 -4.05
CA PRO B 146 22.74 -9.95 -3.15
C PRO B 146 23.54 -9.41 -1.94
N ASN B 147 23.53 -8.10 -1.72
CA ASN B 147 24.18 -7.53 -0.54
C ASN B 147 23.47 -8.11 0.72
N PRO B 148 24.26 -8.58 1.72
CA PRO B 148 23.63 -9.24 2.88
C PRO B 148 22.99 -8.30 3.95
N GLU B 149 22.97 -6.99 3.71
CA GLU B 149 22.56 -6.02 4.76
C GLU B 149 21.21 -6.35 5.38
N ILE B 150 20.22 -6.68 4.56
CA ILE B 150 18.89 -7.01 5.11
C ILE B 150 18.95 -8.17 6.12
N TYR B 151 19.76 -9.17 5.82
CA TYR B 151 19.86 -10.33 6.68
C TYR B 151 20.73 -10.09 7.90
N LEU B 152 21.80 -9.30 7.72
CA LEU B 152 22.60 -8.86 8.86
C LEU B 152 21.76 -8.05 9.85
N THR B 153 20.88 -7.22 9.31
CA THR B 153 19.97 -6.43 10.15
C THR B 153 18.98 -7.35 10.86
N ALA B 154 18.43 -8.33 10.13
CA ALA B 154 17.54 -9.30 10.74
C ALA B 154 18.19 -10.02 11.93
N LEU B 155 19.43 -10.47 11.76
CA LEU B 155 20.14 -11.12 12.87
C LEU B 155 20.28 -10.20 14.07
N LYS B 156 20.68 -8.96 13.81
CA LYS B 156 20.85 -7.96 14.87
C LYS B 156 19.53 -7.73 15.64
N GLN B 157 18.45 -7.51 14.90
CA GLN B 157 17.14 -7.20 15.52
C GLN B 157 16.51 -8.41 16.21
N LEU B 158 16.75 -9.60 15.66
CA LEU B 158 16.34 -10.86 16.29
C LEU B 158 17.22 -11.25 17.49
N ASN B 159 18.39 -10.60 17.59
CA ASN B 159 19.42 -10.93 18.59
C ASN B 159 19.77 -12.43 18.56
N VAL B 160 20.06 -12.90 17.34
CA VAL B 160 20.48 -14.29 17.16
CA VAL B 160 20.46 -14.30 17.12
C VAL B 160 21.79 -14.34 16.37
N GLN B 161 22.71 -15.19 16.84
CA GLN B 161 24.00 -15.41 16.17
CA GLN B 161 23.98 -15.34 16.13
C GLN B 161 23.77 -16.06 14.80
N ALA B 162 24.57 -15.68 13.81
CA ALA B 162 24.45 -16.24 12.45
C ALA B 162 24.42 -17.77 12.46
N SER B 163 25.27 -18.38 13.30
CA SER B 163 25.38 -19.84 13.38
C SER B 163 24.10 -20.55 13.89
N ARG B 164 23.18 -19.78 14.48
CA ARG B 164 21.98 -20.31 15.12
C ARG B 164 20.73 -19.89 14.34
N ALA B 165 20.94 -19.36 13.14
CA ALA B 165 19.83 -18.94 12.30
C ALA B 165 19.77 -19.78 11.02
N LEU B 166 18.58 -19.75 10.41
CA LEU B 166 18.35 -20.41 9.15
CA LEU B 166 18.33 -20.42 9.15
C LEU B 166 17.59 -19.44 8.27
N ILE B 167 17.96 -19.33 7.00
CA ILE B 167 17.23 -18.47 6.06
C ILE B 167 16.56 -19.35 5.01
N ILE B 168 15.29 -19.10 4.75
CA ILE B 168 14.57 -19.81 3.68
C ILE B 168 14.34 -18.85 2.51
N GLU B 169 14.97 -19.16 1.38
CA GLU B 169 14.98 -18.26 0.22
C GLU B 169 14.52 -18.94 -1.08
N ASP B 170 14.58 -18.19 -2.19
CA ASP B 170 14.30 -18.78 -3.50
C ASP B 170 15.24 -18.27 -4.61
N SER B 171 15.37 -16.96 -4.77
CA SER B 171 16.14 -16.36 -5.89
C SER B 171 17.65 -16.49 -5.70
N GLU B 172 18.37 -16.45 -6.82
CA GLU B 172 19.84 -16.49 -6.79
C GLU B 172 20.42 -15.35 -5.94
N LYS B 173 19.89 -14.15 -6.14
CA LYS B 173 20.41 -13.00 -5.38
C LYS B 173 20.02 -13.08 -3.91
N GLY B 174 18.84 -13.60 -3.63
CA GLY B 174 18.40 -13.78 -2.24
C GLY B 174 19.23 -14.80 -1.47
N ILE B 175 19.48 -15.95 -2.09
CA ILE B 175 20.38 -16.97 -1.52
C ILE B 175 21.77 -16.39 -1.24
N ALA B 176 22.29 -15.64 -2.22
CA ALA B 176 23.61 -15.03 -2.09
C ALA B 176 23.67 -14.07 -0.90
N ALA B 177 22.59 -13.30 -0.70
CA ALA B 177 22.50 -12.34 0.42
C ALA B 177 22.56 -13.09 1.76
N GLY B 178 21.82 -14.19 1.86
CA GLY B 178 21.77 -14.98 3.11
C GLY B 178 23.12 -15.58 3.44
N VAL B 179 23.76 -16.18 2.43
CA VAL B 179 25.06 -16.82 2.60
C VAL B 179 26.16 -15.80 2.98
N ALA B 180 26.09 -14.60 2.39
CA ALA B 180 27.05 -13.53 2.72
C ALA B 180 26.81 -12.94 4.11
N ALA B 181 25.63 -13.18 4.69
CA ALA B 181 25.38 -12.89 6.13
C ALA B 181 25.95 -13.99 7.05
N ASP B 182 26.57 -15.02 6.45
CA ASP B 182 27.21 -16.14 7.17
C ASP B 182 26.15 -17.04 7.82
N VAL B 183 24.99 -17.12 7.16
CA VAL B 183 23.85 -17.92 7.63
C VAL B 183 23.59 -19.08 6.67
N GLU B 184 23.20 -20.25 7.21
CA GLU B 184 22.81 -21.40 6.39
C GLU B 184 21.52 -21.07 5.64
N VAL B 185 21.54 -21.26 4.32
CA VAL B 185 20.37 -20.95 3.48
C VAL B 185 19.83 -22.23 2.82
N TRP B 186 18.54 -22.48 2.94
CA TRP B 186 17.85 -23.50 2.15
C TRP B 186 16.88 -22.81 1.22
N ALA B 187 16.76 -23.28 -0.02
CA ALA B 187 15.91 -22.64 -1.01
C ALA B 187 14.71 -23.52 -1.35
N ILE B 188 13.54 -22.89 -1.48
CA ILE B 188 12.36 -23.56 -2.03
C ILE B 188 12.68 -23.88 -3.49
N ARG B 189 12.65 -25.16 -3.82
CA ARG B 189 13.13 -25.60 -5.13
C ARG B 189 12.30 -24.98 -6.26
N ASP B 190 12.98 -24.34 -7.21
CA ASP B 190 12.32 -23.75 -8.37
C ASP B 190 12.34 -24.73 -9.56
N ASN B 191 11.17 -25.29 -9.86
CA ASN B 191 11.02 -26.25 -10.96
C ASN B 191 10.50 -25.62 -12.25
N GLU B 192 10.35 -24.29 -12.26
CA GLU B 192 9.65 -23.60 -13.35
CA GLU B 192 9.67 -23.62 -13.37
C GLU B 192 10.45 -22.51 -14.04
N PHE B 193 11.20 -21.72 -13.28
CA PHE B 193 11.80 -20.51 -13.88
C PHE B 193 13.31 -20.48 -14.13
N GLY B 194 13.99 -21.61 -13.90
CA GLY B 194 15.43 -21.70 -14.10
C GLY B 194 16.29 -20.89 -13.13
N ASP B 196 18.93 -20.03 -10.55
CA ASP B 196 20.13 -20.75 -10.14
C ASP B 196 20.21 -20.79 -8.61
N GLN B 197 19.91 -21.96 -8.05
CA GLN B 197 19.88 -22.10 -6.59
C GLN B 197 21.04 -22.95 -6.03
N SER B 198 22.11 -23.07 -6.82
CA SER B 198 23.22 -23.97 -6.47
C SER B 198 24.01 -23.55 -5.23
N ALA B 199 23.93 -22.27 -4.86
CA ALA B 199 24.65 -21.77 -3.70
C ALA B 199 23.97 -22.16 -2.37
N ALA B 200 22.69 -22.56 -2.42
CA ALA B 200 21.98 -22.94 -1.19
C ALA B 200 22.61 -24.19 -0.55
N LYS B 201 22.49 -24.32 0.77
CA LYS B 201 22.94 -25.54 1.47
C LYS B 201 22.17 -26.76 0.92
N GLY B 202 20.90 -26.54 0.63
CA GLY B 202 20.04 -27.57 0.05
C GLY B 202 18.74 -27.00 -0.47
N LEU B 203 17.95 -27.85 -1.12
CA LEU B 203 16.70 -27.41 -1.74
C LEU B 203 15.53 -28.12 -1.08
N LEU B 204 14.42 -27.42 -0.92
CA LEU B 204 13.23 -27.94 -0.26
C LEU B 204 12.08 -28.05 -1.24
N ASP B 205 11.38 -29.16 -1.22
CA ASP B 205 10.22 -29.33 -2.11
C ASP B 205 9.07 -28.41 -1.74
N SER B 206 8.91 -28.16 -0.44
CA SER B 206 7.87 -27.24 0.06
C SER B 206 8.28 -26.70 1.42
N LEU B 207 7.53 -25.72 1.91
CA LEU B 207 7.78 -25.13 3.22
C LEU B 207 7.70 -26.18 4.33
N THR B 208 6.88 -27.21 4.12
CA THR B 208 6.75 -28.27 5.13
C THR B 208 8.11 -28.91 5.44
N ASP B 209 8.99 -28.94 4.45
CA ASP B 209 10.33 -29.55 4.62
C ASP B 209 11.24 -28.78 5.57
N VAL B 210 10.95 -27.48 5.77
CA VAL B 210 11.68 -26.67 6.75
C VAL B 210 11.61 -27.29 8.17
N LEU B 211 10.50 -27.93 8.47
CA LEU B 211 10.30 -28.55 9.79
C LEU B 211 11.33 -29.66 10.05
N ASP B 212 11.86 -30.24 8.98
CA ASP B 212 12.87 -31.29 9.12
C ASP B 212 14.27 -30.77 9.45
N LEU B 213 14.45 -29.44 9.38
CA LEU B 213 15.73 -28.80 9.69
C LEU B 213 15.88 -28.33 11.15
N ILE B 214 14.81 -28.48 11.93
CA ILE B 214 14.79 -28.03 13.31
C ILE B 214 14.27 -29.13 14.23
#